data_8S95
#
_entry.id   8S95
#
_cell.length_a   150.021
_cell.length_b   28.015
_cell.length_c   111.267
_cell.angle_alpha   90.000
_cell.angle_beta   98.039
_cell.angle_gamma   90.000
#
_symmetry.space_group_name_H-M   'C 1 2 1'
#
_entity_poly.entity_id   1
_entity_poly.type   'polyribonucleotide'
_entity_poly.pdbx_seq_one_letter_code
;CGCCCGGAUAGCUCAGUCGGUAGAGCAGCGGCUAAAACAGCUCUGGGGUUGUACCCACCCCAGAGGCCCACGUGGCGGCU
AGUACUCCGGUAUUGCGGUACCCUUGUACGCCUGUUUUAGCCGCGGGUCCAGGGUUCAAGUCCCUGUUCGGGCGCCA
;
_entity_poly.pdbx_strand_id   C
#
loop_
_chem_comp.id
_chem_comp.type
_chem_comp.name
_chem_comp.formula
A RNA linking ADENOSINE-5'-MONOPHOSPHATE 'C10 H14 N5 O7 P'
C RNA linking CYTIDINE-5'-MONOPHOSPHATE 'C9 H14 N3 O8 P'
G RNA linking GUANOSINE-5'-MONOPHOSPHATE 'C10 H14 N5 O8 P'
U RNA linking URIDINE-5'-MONOPHOSPHATE 'C9 H13 N2 O9 P'
#